data_1CLZ
#
_entry.id   1CLZ
#
_cell.length_a   69.400
_cell.length_b   84.900
_cell.length_c   86.800
_cell.angle_alpha   90.00
_cell.angle_beta   90.00
_cell.angle_gamma   90.00
#
_symmetry.space_group_name_H-M   'P 21 21 21'
#
loop_
_entity.id
_entity.type
_entity.pdbx_description
1 polymer 'IGG FAB (IGG3, KAPPA)'
2 polymer 'IGG FAB (IGG3, KAPPA)'
3 branched alpha-L-fucopyranose-(1-2)-beta-D-galactopyranose-(1-4)-[alpha-L-fucopyranose-(1-3)]2-acetamido-2-deoxy-beta-D-glucopyranose
4 non-polymer 'METHYL NONANOATE (ESTER)'
#
loop_
_entity_poly.entity_id
_entity_poly.type
_entity_poly.pdbx_seq_one_letter_code
_entity_poly.pdbx_strand_id
1 'polypeptide(L)'
;DVLMTQIPVSLPVSLGDQASISCRSSQIIVHNNGNTYLEWYLQKPGQSPQLLIYKVSNRFSGVPDRFSGSGSGTDFTLKI
SRVEAEDLGVYYCFQGSHVPFTFGSGTKLEIKRADAAPTVSIFPPSSEQLTSGGASVVCFLNNFYPKDINVKWKIDGSER
QNGVLNSWTDQDSKDSTYSMSSTLTLTKDEYERHNSYTCEATHKTSTSPIVKSFNRNEC
;
L
2 'polypeptide(L)'
;EVNLVESGGGLVQPGGSLKVSCVTSGFTFSDYYMYWVRQTPEKRLEWVAYISQGGDITDYPDTVKGRFTISRDNAKNSLY
LQMSRLKSEDTAMYYCARGLDDGAWFAYWGQGTLVTVSVTTTAPSVYPLVPGCSDTSGSSVTLGCLVKGYFPEPVTVKWN
YGALSSGVRTVSSVLQSGFYSLSSLVTVPSSTWPSQTVICNVAHPASKTELIKRIEPR
;
H
#
# COMPACT_ATOMS: atom_id res chain seq x y z
N ASP A 1 -23.07 -11.94 -16.26
CA ASP A 1 -22.29 -11.14 -15.27
C ASP A 1 -23.08 -11.24 -13.99
N VAL A 2 -22.43 -11.65 -12.91
CA VAL A 2 -23.11 -11.75 -11.62
C VAL A 2 -22.41 -10.71 -10.77
N LEU A 3 -23.10 -9.62 -10.44
CA LEU A 3 -22.51 -8.59 -9.61
C LEU A 3 -22.62 -8.97 -8.15
N MET A 4 -21.49 -8.92 -7.45
CA MET A 4 -21.43 -9.24 -6.02
C MET A 4 -21.66 -7.98 -5.19
N THR A 5 -22.30 -8.14 -4.03
CA THR A 5 -22.58 -7.05 -3.12
C THR A 5 -22.00 -7.39 -1.74
N GLN A 6 -21.45 -6.40 -1.05
CA GLN A 6 -20.87 -6.62 0.26
C GLN A 6 -21.38 -5.61 1.25
N ILE A 7 -21.75 -6.09 2.43
CA ILE A 7 -22.22 -5.22 3.50
C ILE A 7 -21.44 -5.54 4.80
N PRO A 8 -20.97 -4.52 5.49
CA PRO A 8 -21.11 -3.11 5.09
C PRO A 8 -19.81 -2.70 4.41
N VAL A 9 -19.78 -1.51 3.81
CA VAL A 9 -18.55 -1.07 3.16
C VAL A 9 -17.46 -0.72 4.19
N SER A 10 -17.87 -0.29 5.39
CA SER A 10 -16.94 0.03 6.47
C SER A 10 -17.34 -0.70 7.76
N LEU A 11 -16.35 -1.21 8.48
CA LEU A 11 -16.64 -1.94 9.71
C LEU A 11 -15.68 -1.67 10.87
N PRO A 12 -15.94 -0.61 11.67
CA PRO A 12 -15.07 -0.31 12.81
C PRO A 12 -15.47 -1.37 13.85
N VAL A 13 -14.46 -2.04 14.41
CA VAL A 13 -14.70 -3.12 15.33
C VAL A 13 -13.57 -3.13 16.37
N SER A 14 -13.89 -3.52 17.60
CA SER A 14 -12.89 -3.54 18.66
C SER A 14 -12.16 -4.87 18.68
N LEU A 15 -11.12 -4.97 19.50
CA LEU A 15 -10.36 -6.21 19.62
C LEU A 15 -11.15 -7.20 20.47
N GLY A 16 -10.98 -8.48 20.19
CA GLY A 16 -11.70 -9.49 20.94
C GLY A 16 -13.15 -9.55 20.50
N ASP A 17 -13.51 -8.76 19.49
CA ASP A 17 -14.87 -8.74 18.98
C ASP A 17 -15.18 -9.86 17.99
N GLN A 18 -16.46 -10.06 17.71
CA GLN A 18 -16.92 -11.06 16.74
C GLN A 18 -17.30 -10.20 15.53
N ALA A 19 -16.85 -10.58 14.34
CA ALA A 19 -17.17 -9.75 13.18
C ALA A 19 -17.73 -10.50 11.99
N SER A 20 -18.84 -10.00 11.47
CA SER A 20 -19.46 -10.62 10.32
C SER A 20 -19.58 -9.68 9.12
N ILE A 21 -19.17 -10.19 7.97
CA ILE A 21 -19.23 -9.44 6.71
C ILE A 21 -20.15 -10.28 5.85
N SER A 22 -21.00 -9.63 5.08
CA SER A 22 -21.91 -10.36 4.22
C SER A 22 -21.59 -10.08 2.75
N CYS A 23 -21.83 -11.11 1.94
CA CYS A 23 -21.62 -11.04 0.51
C CYS A 23 -22.91 -11.61 -0.10
N ARG A 24 -23.49 -10.86 -1.01
CA ARG A 24 -24.74 -11.22 -1.64
C ARG A 24 -24.55 -11.07 -3.15
N SER A 25 -24.87 -12.15 -3.87
CA SER A 25 -24.74 -12.18 -5.32
C SER A 25 -26.04 -11.80 -6.01
N SER A 26 -25.94 -11.26 -7.22
CA SER A 26 -27.11 -10.86 -8.00
C SER A 26 -28.14 -12.00 -8.15
N GLN A 27 -27.66 -13.23 -8.35
CA GLN A 27 -28.51 -14.40 -8.45
C GLN A 27 -27.67 -15.59 -8.03
N ILE A 28 -28.32 -16.71 -7.73
CA ILE A 28 -27.62 -17.92 -7.30
C ILE A 28 -26.42 -18.16 -8.19
N ILE A 29 -25.36 -18.71 -7.60
CA ILE A 29 -24.18 -18.94 -8.39
C ILE A 29 -24.23 -20.38 -8.90
N VAL A 30 -23.57 -21.32 -8.21
CA VAL A 30 -23.56 -22.73 -8.63
C VAL A 30 -23.15 -22.97 -10.08
N HIS A 31 -22.00 -23.60 -10.24
CA HIS A 31 -21.38 -23.92 -11.53
C HIS A 31 -21.94 -25.26 -12.03
N ASN A 32 -21.08 -26.28 -12.12
CA ASN A 32 -21.43 -27.64 -12.53
C ASN A 32 -21.89 -28.34 -11.26
N ASN A 33 -22.86 -27.72 -10.58
CA ASN A 33 -23.38 -28.18 -9.29
C ASN A 33 -22.24 -28.09 -8.31
N GLY A 34 -21.34 -29.09 -8.41
CA GLY A 34 -20.15 -29.20 -7.58
C GLY A 34 -19.78 -28.00 -6.76
N ASN A 35 -20.61 -27.75 -5.75
CA ASN A 35 -20.45 -26.64 -4.83
C ASN A 35 -20.44 -25.31 -5.60
N THR A 36 -20.40 -24.23 -4.84
CA THR A 36 -20.39 -22.92 -5.42
C THR A 36 -18.96 -22.44 -5.31
N TYR A 37 -18.55 -21.61 -6.25
CA TYR A 37 -17.21 -21.07 -6.22
C TYR A 37 -17.23 -19.68 -5.63
N LEU A 38 -17.48 -19.61 -4.32
CA LEU A 38 -17.48 -18.34 -3.62
C LEU A 38 -16.29 -18.34 -2.67
N GLU A 39 -15.53 -17.24 -2.69
CA GLU A 39 -14.31 -17.12 -1.87
C GLU A 39 -14.18 -15.80 -1.12
N TRP A 40 -13.25 -15.78 -0.17
CA TRP A 40 -12.99 -14.61 0.66
C TRP A 40 -11.52 -14.21 0.60
N TYR A 41 -11.28 -12.93 0.31
CA TYR A 41 -9.94 -12.38 0.20
C TYR A 41 -9.70 -11.27 1.20
N LEU A 42 -8.51 -11.26 1.78
CA LEU A 42 -8.10 -10.25 2.75
C LEU A 42 -6.86 -9.57 2.18
N GLN A 43 -6.82 -8.25 2.19
CA GLN A 43 -5.65 -7.54 1.71
C GLN A 43 -5.17 -6.63 2.80
N LYS A 44 -4.06 -6.99 3.43
CA LYS A 44 -3.50 -6.18 4.49
C LYS A 44 -2.73 -5.04 3.84
N PRO A 45 -2.68 -3.88 4.48
CA PRO A 45 -1.98 -2.68 4.00
C PRO A 45 -0.58 -2.94 3.47
N GLY A 46 -0.37 -2.55 2.21
CA GLY A 46 0.92 -2.70 1.58
C GLY A 46 1.27 -4.14 1.27
N GLN A 47 0.26 -4.98 1.09
CA GLN A 47 0.48 -6.38 0.77
C GLN A 47 -0.53 -6.87 -0.25
N SER A 48 -0.15 -7.91 -1.00
CA SER A 48 -1.03 -8.49 -2.01
C SER A 48 -2.24 -9.09 -1.32
N PRO A 49 -3.36 -9.30 -2.06
CA PRO A 49 -4.51 -9.89 -1.38
C PRO A 49 -4.14 -11.33 -1.06
N GLN A 50 -4.92 -12.00 -0.22
CA GLN A 50 -4.61 -13.37 0.11
C GLN A 50 -5.86 -14.19 0.31
N LEU A 51 -5.79 -15.45 -0.08
CA LEU A 51 -6.92 -16.35 0.04
C LEU A 51 -7.14 -16.83 1.47
N LEU A 52 -8.37 -16.72 1.91
CA LEU A 52 -8.74 -17.16 3.23
C LEU A 52 -9.67 -18.34 3.04
N ILE A 53 -10.86 -18.06 2.54
CA ILE A 53 -11.83 -19.11 2.32
C ILE A 53 -12.08 -19.30 0.83
N TYR A 54 -12.47 -20.51 0.46
CA TYR A 54 -12.79 -20.85 -0.92
C TYR A 54 -13.77 -22.03 -0.84
N LYS A 55 -14.62 -22.19 -1.85
CA LYS A 55 -15.61 -23.27 -1.84
C LYS A 55 -16.65 -22.97 -0.77
N VAL A 56 -16.83 -21.68 -0.47
CA VAL A 56 -17.78 -21.17 0.53
C VAL A 56 -17.31 -21.29 1.99
N SER A 57 -16.71 -22.42 2.34
CA SER A 57 -16.23 -22.62 3.71
C SER A 57 -14.90 -23.38 3.85
N ASN A 58 -14.22 -23.63 2.74
CA ASN A 58 -12.94 -24.33 2.85
C ASN A 58 -11.86 -23.34 3.14
N ARG A 59 -11.39 -23.38 4.38
CA ARG A 59 -10.33 -22.49 4.87
C ARG A 59 -8.98 -22.82 4.26
N PHE A 60 -8.51 -21.96 3.38
CA PHE A 60 -7.21 -22.14 2.73
C PHE A 60 -6.10 -22.43 3.71
N SER A 61 -5.22 -23.33 3.29
CA SER A 61 -4.06 -23.72 4.07
C SER A 61 -3.41 -22.53 4.79
N GLY A 62 -3.31 -22.62 6.11
CA GLY A 62 -2.67 -21.56 6.88
C GLY A 62 -3.54 -20.46 7.48
N VAL A 63 -4.82 -20.42 7.14
CA VAL A 63 -5.73 -19.41 7.68
C VAL A 63 -6.17 -19.88 9.08
N PRO A 64 -6.06 -19.00 10.09
CA PRO A 64 -6.42 -19.25 11.48
C PRO A 64 -7.83 -19.73 11.65
N ASP A 65 -8.07 -20.48 12.72
CA ASP A 65 -9.41 -21.03 13.01
C ASP A 65 -10.46 -19.95 13.24
N ARG A 66 -10.03 -18.74 13.57
CA ARG A 66 -10.95 -17.66 13.83
C ARG A 66 -11.75 -17.29 12.58
N PHE A 67 -11.21 -17.63 11.42
CA PHE A 67 -11.88 -17.32 10.17
C PHE A 67 -12.87 -18.40 9.72
N SER A 68 -14.11 -18.00 9.51
CA SER A 68 -15.14 -18.93 9.09
C SER A 68 -15.94 -18.34 7.95
N GLY A 69 -16.34 -19.21 7.02
CA GLY A 69 -17.13 -18.78 5.89
C GLY A 69 -18.39 -19.60 5.83
N SER A 70 -19.48 -18.99 5.40
CA SER A 70 -20.76 -19.68 5.31
C SER A 70 -21.57 -19.10 4.17
N GLY A 71 -22.75 -19.67 3.91
CA GLY A 71 -23.61 -19.18 2.86
C GLY A 71 -24.28 -20.25 2.00
N SER A 72 -25.32 -19.83 1.29
CA SER A 72 -26.07 -20.71 0.40
C SER A 72 -26.94 -19.88 -0.51
N GLY A 73 -26.95 -20.24 -1.78
CA GLY A 73 -27.75 -19.51 -2.74
C GLY A 73 -27.16 -18.17 -3.12
N THR A 74 -27.68 -17.12 -2.51
CA THR A 74 -27.23 -15.79 -2.81
C THR A 74 -26.58 -15.09 -1.60
N ASP A 75 -26.86 -15.62 -0.41
CA ASP A 75 -26.30 -15.05 0.81
C ASP A 75 -25.12 -15.84 1.36
N PHE A 76 -24.04 -15.11 1.67
CA PHE A 76 -22.81 -15.68 2.21
C PHE A 76 -22.24 -14.79 3.31
N THR A 77 -21.65 -15.41 4.32
CA THR A 77 -21.12 -14.66 5.44
C THR A 77 -19.77 -15.15 5.95
N LEU A 78 -18.95 -14.20 6.41
CA LEU A 78 -17.64 -14.49 6.97
C LEU A 78 -17.65 -13.97 8.40
N LYS A 79 -17.41 -14.87 9.34
CA LYS A 79 -17.38 -14.49 10.76
C LYS A 79 -15.94 -14.57 11.19
N ILE A 80 -15.53 -13.57 11.95
CA ILE A 80 -14.18 -13.56 12.50
C ILE A 80 -14.48 -13.72 13.97
N SER A 81 -14.55 -14.98 14.40
CA SER A 81 -14.81 -15.26 15.81
C SER A 81 -13.54 -14.83 16.48
N ARG A 82 -13.61 -13.68 17.15
CA ARG A 82 -12.53 -13.06 17.89
C ARG A 82 -11.52 -12.29 17.02
N VAL A 83 -11.77 -11.00 16.88
CA VAL A 83 -10.96 -10.09 16.08
C VAL A 83 -9.61 -9.84 16.71
N GLU A 84 -8.55 -10.08 15.94
CA GLU A 84 -7.19 -9.85 16.40
C GLU A 84 -6.65 -8.62 15.66
N ALA A 85 -5.60 -8.00 16.19
CA ALA A 85 -5.04 -6.82 15.55
C ALA A 85 -4.56 -7.06 14.11
N GLU A 86 -3.98 -8.23 13.84
CA GLU A 86 -3.46 -8.55 12.51
C GLU A 86 -4.55 -8.64 11.43
N ASP A 87 -5.79 -8.42 11.81
CA ASP A 87 -6.88 -8.54 10.86
C ASP A 87 -7.34 -7.30 10.12
N LEU A 88 -6.74 -6.14 10.42
CA LEU A 88 -7.14 -4.93 9.71
C LEU A 88 -6.77 -5.07 8.23
N GLY A 89 -7.67 -4.63 7.37
CA GLY A 89 -7.46 -4.70 5.94
C GLY A 89 -8.80 -4.64 5.25
N VAL A 90 -8.85 -5.11 4.01
CA VAL A 90 -10.07 -5.11 3.24
C VAL A 90 -10.40 -6.54 2.85
N TYR A 91 -11.68 -6.90 2.98
CA TYR A 91 -12.14 -8.23 2.63
C TYR A 91 -12.98 -8.18 1.39
N TYR A 92 -12.77 -9.13 0.50
CA TYR A 92 -13.50 -9.18 -0.76
C TYR A 92 -14.09 -10.57 -0.92
N CYS A 93 -15.14 -10.67 -1.70
CA CYS A 93 -15.69 -11.97 -2.01
C CYS A 93 -15.64 -12.10 -3.51
N PHE A 94 -15.32 -13.29 -3.96
CA PHE A 94 -15.18 -13.56 -5.37
C PHE A 94 -16.24 -14.58 -5.79
N GLN A 95 -16.59 -14.51 -7.07
CA GLN A 95 -17.58 -15.36 -7.69
C GLN A 95 -16.85 -15.99 -8.86
N GLY A 96 -16.68 -17.30 -8.84
CA GLY A 96 -16.01 -17.98 -9.92
C GLY A 96 -16.86 -19.07 -10.54
N SER A 97 -18.17 -19.03 -10.30
CA SER A 97 -19.05 -20.05 -10.87
C SER A 97 -19.58 -19.66 -12.26
N HIS A 98 -19.73 -18.37 -12.50
CA HIS A 98 -20.26 -17.85 -13.74
C HIS A 98 -19.31 -16.79 -14.32
N VAL A 99 -19.19 -16.76 -15.65
CA VAL A 99 -18.33 -15.79 -16.32
C VAL A 99 -19.13 -14.57 -16.76
N PRO A 100 -18.57 -13.36 -16.55
CA PRO A 100 -17.25 -13.18 -15.94
C PRO A 100 -17.19 -13.39 -14.41
N PHE A 101 -15.98 -13.66 -13.93
CA PHE A 101 -15.71 -13.88 -12.53
C PHE A 101 -15.77 -12.52 -11.85
N THR A 102 -16.52 -12.44 -10.75
CA THR A 102 -16.73 -11.19 -10.06
C THR A 102 -16.20 -11.06 -8.62
N PHE A 103 -15.58 -9.92 -8.33
CA PHE A 103 -15.07 -9.61 -6.99
C PHE A 103 -16.08 -8.69 -6.37
N GLY A 104 -16.18 -8.71 -5.05
CA GLY A 104 -17.12 -7.84 -4.35
C GLY A 104 -16.57 -6.43 -4.24
N SER A 105 -17.42 -5.52 -3.76
CA SER A 105 -17.02 -4.12 -3.61
C SER A 105 -15.94 -3.92 -2.54
N GLY A 106 -15.90 -4.83 -1.57
CA GLY A 106 -14.91 -4.73 -0.51
C GLY A 106 -15.46 -4.07 0.73
N THR A 107 -15.07 -4.63 1.87
CA THR A 107 -15.47 -4.13 3.19
C THR A 107 -14.18 -3.79 3.94
N LYS A 108 -14.12 -2.62 4.57
CA LYS A 108 -12.92 -2.25 5.28
C LYS A 108 -13.06 -2.42 6.78
N LEU A 109 -12.14 -3.18 7.35
CA LEU A 109 -12.12 -3.49 8.79
C LEU A 109 -11.19 -2.48 9.47
N GLU A 110 -11.71 -1.81 10.49
CA GLU A 110 -10.96 -0.82 11.26
C GLU A 110 -11.01 -1.22 12.73
N ILE A 111 -9.88 -1.15 13.43
CA ILE A 111 -9.85 -1.53 14.84
C ILE A 111 -9.96 -0.36 15.82
N LYS A 112 -11.07 -0.35 16.56
CA LYS A 112 -11.34 0.70 17.51
C LYS A 112 -10.57 0.33 18.77
N ARG A 113 -9.70 1.25 19.21
CA ARG A 113 -8.92 1.05 20.41
C ARG A 113 -8.96 2.31 21.27
N ALA A 114 -8.18 2.32 22.34
CA ALA A 114 -8.15 3.47 23.24
C ALA A 114 -7.29 4.58 22.66
N ASP A 115 -7.65 5.81 23.01
CA ASP A 115 -6.91 6.97 22.53
C ASP A 115 -5.44 6.90 22.91
N ALA A 116 -4.59 7.43 22.04
CA ALA A 116 -3.16 7.46 22.28
C ALA A 116 -2.66 8.78 21.73
N ALA A 117 -1.78 9.41 22.48
CA ALA A 117 -1.22 10.70 22.11
C ALA A 117 -0.05 10.55 21.16
N PRO A 118 0.11 11.53 20.25
CA PRO A 118 1.20 11.51 19.28
C PRO A 118 2.53 11.83 19.91
N THR A 119 3.59 11.60 19.15
CA THR A 119 4.95 11.91 19.58
C THR A 119 5.51 12.71 18.39
N VAL A 120 5.60 14.03 18.59
CA VAL A 120 6.07 14.96 17.58
C VAL A 120 7.58 14.97 17.33
N SER A 121 7.99 15.38 16.14
CA SER A 121 9.40 15.47 15.79
C SER A 121 9.51 16.51 14.70
N ILE A 122 10.54 17.33 14.79
CA ILE A 122 10.76 18.36 13.80
C ILE A 122 12.03 17.99 13.07
N PHE A 123 11.99 18.16 11.75
CA PHE A 123 13.12 17.81 10.91
C PHE A 123 13.59 18.96 10.03
N PRO A 124 14.78 19.54 10.31
CA PRO A 124 15.31 20.64 9.50
C PRO A 124 15.61 20.16 8.08
N PRO A 125 15.67 21.08 7.11
CA PRO A 125 15.97 20.67 5.73
C PRO A 125 17.44 20.28 5.67
N SER A 126 17.81 19.42 4.71
CA SER A 126 19.21 19.01 4.60
C SER A 126 20.00 19.85 3.60
N SER A 127 21.31 19.92 3.80
CA SER A 127 22.19 20.66 2.90
C SER A 127 21.95 20.06 1.54
N GLU A 128 21.87 18.73 1.52
CA GLU A 128 21.64 17.95 0.31
C GLU A 128 20.51 18.61 -0.48
N GLN A 129 19.36 18.81 0.17
CA GLN A 129 18.21 19.40 -0.49
C GLN A 129 18.39 20.86 -0.89
N LEU A 130 18.93 21.67 0.01
CA LEU A 130 19.15 23.10 -0.24
C LEU A 130 19.82 23.36 -1.58
N THR A 131 20.76 22.50 -1.97
CA THR A 131 21.46 22.67 -3.24
C THR A 131 20.50 22.44 -4.40
N SER A 132 19.50 21.61 -4.17
CA SER A 132 18.49 21.29 -5.17
C SER A 132 17.31 22.27 -5.13
N GLY A 133 17.66 23.56 -5.26
CA GLY A 133 16.68 24.64 -5.30
C GLY A 133 15.73 25.01 -4.17
N GLY A 134 15.33 24.07 -3.31
CA GLY A 134 14.39 24.42 -2.26
C GLY A 134 14.61 23.79 -0.91
N ALA A 135 13.75 24.13 0.04
CA ALA A 135 13.86 23.60 1.39
C ALA A 135 12.51 23.13 1.92
N SER A 136 12.48 21.90 2.43
CA SER A 136 11.27 21.28 2.97
C SER A 136 11.52 20.94 4.43
N VAL A 137 10.62 21.36 5.30
CA VAL A 137 10.74 21.05 6.71
C VAL A 137 9.55 20.15 7.02
N VAL A 138 9.80 19.01 7.64
CA VAL A 138 8.74 18.06 7.92
C VAL A 138 8.55 17.70 9.39
N CYS A 139 7.32 17.92 9.85
CA CYS A 139 6.91 17.65 11.23
C CYS A 139 6.21 16.30 11.25
N PHE A 140 6.77 15.38 12.04
CA PHE A 140 6.24 14.03 12.15
C PHE A 140 5.51 13.76 13.48
N LEU A 141 4.24 13.34 13.39
CA LEU A 141 3.41 12.99 14.55
C LEU A 141 3.26 11.47 14.49
N ASN A 142 3.77 10.78 15.50
CA ASN A 142 3.77 9.32 15.49
C ASN A 142 3.03 8.61 16.62
N ASN A 143 2.45 7.45 16.28
CA ASN A 143 1.74 6.55 17.20
C ASN A 143 0.56 7.06 18.00
N PHE A 144 -0.33 7.79 17.35
CA PHE A 144 -1.49 8.32 18.02
C PHE A 144 -2.75 7.61 17.60
N TYR A 145 -3.87 7.97 18.23
CA TYR A 145 -5.19 7.43 17.93
C TYR A 145 -6.22 8.33 18.63
N PRO A 146 -7.31 8.69 17.93
CA PRO A 146 -7.68 8.34 16.56
C PRO A 146 -6.82 9.00 15.49
N LYS A 147 -7.23 8.82 14.24
CA LYS A 147 -6.52 9.39 13.10
C LYS A 147 -6.56 10.91 13.14
N ASP A 148 -7.73 11.46 13.43
CA ASP A 148 -7.94 12.89 13.47
C ASP A 148 -6.92 13.68 14.31
N ILE A 149 -6.19 14.55 13.61
CA ILE A 149 -5.17 15.39 14.21
C ILE A 149 -5.17 16.71 13.41
N ASN A 150 -4.57 17.75 13.97
CA ASN A 150 -4.48 19.05 13.32
C ASN A 150 -3.05 19.51 13.44
N VAL A 151 -2.49 20.09 12.37
CA VAL A 151 -1.11 20.55 12.40
C VAL A 151 -0.93 21.97 11.88
N LYS A 152 -0.44 22.87 12.74
CA LYS A 152 -0.21 24.25 12.34
C LYS A 152 1.26 24.62 12.30
N TRP A 153 1.64 25.33 11.24
CA TRP A 153 3.01 25.78 11.03
C TRP A 153 3.12 27.27 11.25
N LYS A 154 4.06 27.67 12.09
CA LYS A 154 4.28 29.08 12.37
C LYS A 154 5.67 29.50 11.91
N ILE A 155 5.72 30.47 11.01
CA ILE A 155 6.98 30.99 10.50
C ILE A 155 7.36 32.14 11.42
N ASP A 156 8.21 31.85 12.41
CA ASP A 156 8.64 32.81 13.42
C ASP A 156 7.47 33.11 14.38
N GLY A 157 6.30 32.55 14.07
CA GLY A 157 5.11 32.79 14.87
C GLY A 157 4.26 33.85 14.20
N SER A 158 4.94 34.74 13.46
CA SER A 158 4.32 35.85 12.76
C SER A 158 3.17 35.46 11.84
N GLU A 159 3.17 34.22 11.38
CA GLU A 159 2.12 33.75 10.50
C GLU A 159 2.15 32.25 10.36
N ARG A 160 1.14 31.72 9.67
CA ARG A 160 1.01 30.30 9.39
C ARG A 160 1.12 30.20 7.87
N GLN A 161 1.30 28.99 7.34
CA GLN A 161 1.43 28.85 5.89
C GLN A 161 0.31 28.06 5.21
N ASN A 162 0.35 28.07 3.87
CA ASN A 162 -0.63 27.36 3.05
C ASN A 162 0.04 26.42 2.04
N GLY A 163 1.38 26.38 2.05
CA GLY A 163 2.10 25.50 1.15
C GLY A 163 2.46 24.22 1.89
N VAL A 164 1.51 23.77 2.71
CA VAL A 164 1.67 22.59 3.57
C VAL A 164 0.97 21.37 2.96
N LEU A 165 1.58 20.20 3.13
CA LEU A 165 1.00 18.98 2.60
C LEU A 165 0.98 17.89 3.67
N ASN A 166 -0.22 17.46 4.03
CA ASN A 166 -0.39 16.44 5.04
C ASN A 166 -0.68 15.06 4.46
N SER A 167 -0.27 14.01 5.17
CA SER A 167 -0.50 12.64 4.73
C SER A 167 -0.40 11.68 5.91
N TRP A 168 -1.23 10.66 5.91
CA TRP A 168 -1.26 9.66 6.97
C TRP A 168 -0.69 8.30 6.58
N THR A 169 -0.37 7.51 7.60
CA THR A 169 0.16 6.16 7.48
C THR A 169 -1.05 5.25 7.78
N ASP A 170 -1.05 4.03 7.25
CA ASP A 170 -2.16 3.09 7.50
C ASP A 170 -2.20 2.66 8.98
N GLN A 171 -3.38 2.24 9.46
CA GLN A 171 -3.52 1.79 10.83
C GLN A 171 -2.58 0.60 10.98
N ASP A 172 -1.81 0.55 12.07
CA ASP A 172 -0.86 -0.54 12.25
C ASP A 172 -1.50 -1.90 12.52
N SER A 173 -1.01 -2.89 11.79
CA SER A 173 -1.49 -4.26 11.89
C SER A 173 -1.26 -4.93 13.24
N LYS A 174 -0.54 -4.27 14.16
CA LYS A 174 -0.27 -4.86 15.46
C LYS A 174 0.00 -3.82 16.55
N ASP A 175 -0.60 -2.64 16.37
CA ASP A 175 -0.45 -1.54 17.31
C ASP A 175 -1.72 -0.69 17.24
N SER A 176 -2.39 -0.77 16.09
CA SER A 176 -3.64 -0.07 15.82
C SER A 176 -3.61 1.44 15.91
N THR A 177 -2.43 2.03 15.78
CA THR A 177 -2.30 3.48 15.84
C THR A 177 -1.88 4.04 14.48
N TYR A 178 -2.23 5.30 14.21
CA TYR A 178 -1.85 5.93 12.97
C TYR A 178 -0.59 6.72 13.24
N SER A 179 -0.10 7.35 12.18
CA SER A 179 1.08 8.19 12.21
C SER A 179 0.90 9.08 10.99
N MET A 180 1.29 10.33 11.08
CA MET A 180 1.12 11.23 9.96
C MET A 180 2.26 12.22 9.91
N SER A 181 2.37 12.92 8.78
CA SER A 181 3.41 13.91 8.58
C SER A 181 2.78 15.19 8.08
N SER A 182 3.55 16.27 8.11
CA SER A 182 3.09 17.55 7.62
C SER A 182 4.32 18.26 7.14
N THR A 183 4.48 18.28 5.83
CA THR A 183 5.61 18.90 5.18
C THR A 183 5.28 20.33 4.77
N LEU A 184 6.23 21.23 5.02
CA LEU A 184 6.09 22.61 4.64
C LEU A 184 7.21 22.82 3.63
N THR A 185 6.83 23.22 2.42
CA THR A 185 7.78 23.43 1.34
C THR A 185 7.99 24.91 0.99
N LEU A 186 9.23 25.36 1.09
CA LEU A 186 9.63 26.74 0.80
C LEU A 186 10.80 26.70 -0.17
N THR A 187 11.22 27.88 -0.62
CA THR A 187 12.37 28.00 -1.50
C THR A 187 13.57 27.98 -0.54
N LYS A 188 14.79 27.89 -1.07
CA LYS A 188 15.96 27.88 -0.21
C LYS A 188 16.18 29.28 0.38
N ASP A 189 15.85 30.30 -0.41
CA ASP A 189 16.03 31.68 0.00
C ASP A 189 15.03 32.12 1.06
N GLU A 190 13.74 31.93 0.77
CA GLU A 190 12.67 32.28 1.70
C GLU A 190 12.90 31.57 3.03
N TYR A 191 13.45 30.36 2.95
CA TYR A 191 13.78 29.57 4.12
C TYR A 191 14.89 30.31 4.85
N GLU A 192 15.99 30.58 4.15
CA GLU A 192 17.13 31.31 4.73
C GLU A 192 16.78 32.79 4.82
N ARG A 193 15.76 33.08 5.63
CA ARG A 193 15.25 34.42 5.83
C ARG A 193 14.54 34.48 7.19
N HIS A 194 14.09 33.33 7.66
CA HIS A 194 13.38 33.24 8.92
C HIS A 194 14.19 32.48 9.95
N ASN A 195 13.93 32.75 11.22
CA ASN A 195 14.67 32.14 12.31
C ASN A 195 14.17 30.81 12.84
N SER A 196 12.94 30.78 13.36
CA SER A 196 12.37 29.57 13.92
C SER A 196 11.19 29.04 13.12
N TYR A 197 11.05 27.72 13.12
CA TYR A 197 9.95 27.04 12.45
C TYR A 197 9.23 26.25 13.52
N THR A 198 7.91 26.35 13.54
CA THR A 198 7.12 25.68 14.56
C THR A 198 5.99 24.80 14.02
N CYS A 199 5.64 23.81 14.82
CA CYS A 199 4.59 22.87 14.49
C CYS A 199 3.76 22.66 15.75
N GLU A 200 2.46 22.88 15.62
CA GLU A 200 1.58 22.69 16.75
C GLU A 200 0.52 21.66 16.39
N ALA A 201 0.65 20.51 17.04
CA ALA A 201 -0.27 19.40 16.84
C ALA A 201 -1.37 19.50 17.89
N THR A 202 -2.59 19.67 17.42
CA THR A 202 -3.72 19.79 18.32
C THR A 202 -4.56 18.51 18.18
N HIS A 203 -4.41 17.59 19.13
CA HIS A 203 -5.14 16.32 19.11
C HIS A 203 -6.00 16.25 20.35
N LYS A 204 -7.15 15.57 20.24
CA LYS A 204 -8.10 15.43 21.36
C LYS A 204 -7.53 14.92 22.70
N THR A 205 -6.65 13.93 22.65
CA THR A 205 -6.05 13.37 23.85
C THR A 205 -5.38 14.46 24.70
N SER A 206 -5.00 15.55 24.04
CA SER A 206 -4.32 16.64 24.70
C SER A 206 -5.06 17.98 24.61
N THR A 207 -5.16 18.67 25.74
CA THR A 207 -5.82 19.97 25.81
C THR A 207 -4.79 21.06 25.48
N SER A 208 -3.52 20.70 25.62
CA SER A 208 -2.40 21.60 25.35
C SER A 208 -1.80 21.23 23.99
N PRO A 209 -1.61 22.22 23.11
CA PRO A 209 -1.03 22.00 21.78
C PRO A 209 0.41 21.54 21.86
N ILE A 210 0.71 20.43 21.21
CA ILE A 210 2.05 19.88 21.19
C ILE A 210 2.84 20.81 20.28
N VAL A 211 3.93 21.39 20.81
CA VAL A 211 4.75 22.32 20.03
C VAL A 211 6.19 21.83 19.90
N LYS A 212 6.76 21.95 18.71
CA LYS A 212 8.14 21.54 18.49
C LYS A 212 8.75 22.60 17.59
N SER A 213 10.04 22.89 17.76
CA SER A 213 10.68 23.93 16.94
C SER A 213 12.19 23.81 16.74
N PHE A 214 12.71 24.76 15.97
CA PHE A 214 14.13 24.88 15.67
C PHE A 214 14.37 26.28 15.10
N ASN A 215 15.51 26.87 15.43
CA ASN A 215 15.90 28.20 14.92
C ASN A 215 17.08 27.92 13.99
N ARG A 216 16.83 27.97 12.69
CA ARG A 216 17.82 27.66 11.66
C ARG A 216 19.20 28.29 11.66
N ASN A 217 19.58 28.98 12.72
CA ASN A 217 20.91 29.59 12.76
C ASN A 217 21.52 29.79 14.13
N GLU A 218 22.83 29.53 14.21
CA GLU A 218 23.61 29.71 15.42
C GLU A 218 24.77 30.60 14.98
N CYS A 219 25.78 30.75 15.84
CA CYS A 219 26.91 31.61 15.48
C CYS A 219 28.22 31.22 16.18
N GLU B 1 9.22 -22.85 -2.45
CA GLU B 1 7.97 -22.09 -2.16
C GLU B 1 7.57 -21.44 -3.46
N VAL B 2 6.28 -21.43 -3.76
CA VAL B 2 5.80 -20.85 -5.01
C VAL B 2 6.09 -19.36 -5.02
N ASN B 3 6.43 -18.84 -6.19
CA ASN B 3 6.72 -17.42 -6.34
C ASN B 3 6.07 -16.98 -7.63
N LEU B 4 5.89 -15.66 -7.75
CA LEU B 4 5.31 -15.04 -8.93
C LEU B 4 5.82 -13.59 -8.88
N VAL B 5 6.80 -13.30 -9.73
CA VAL B 5 7.38 -11.97 -9.78
C VAL B 5 6.96 -11.33 -11.08
N GLU B 6 6.25 -10.22 -11.02
CA GLU B 6 5.79 -9.53 -12.22
C GLU B 6 6.89 -8.64 -12.78
N SER B 7 6.86 -8.42 -14.09
CA SER B 7 7.83 -7.58 -14.74
C SER B 7 7.16 -6.70 -15.78
N GLY B 8 7.81 -5.60 -16.13
CA GLY B 8 7.27 -4.64 -17.07
C GLY B 8 6.80 -3.50 -16.20
N GLY B 9 5.62 -2.95 -16.48
CA GLY B 9 5.10 -1.88 -15.65
C GLY B 9 5.85 -0.57 -15.79
N GLY B 10 5.12 0.52 -15.68
CA GLY B 10 5.71 1.84 -15.79
C GLY B 10 4.67 2.71 -16.43
N LEU B 11 5.09 3.74 -17.15
CA LEU B 11 4.13 4.60 -17.79
C LEU B 11 4.01 4.22 -19.26
N VAL B 12 2.77 4.19 -19.76
CA VAL B 12 2.47 3.90 -21.16
C VAL B 12 1.55 5.05 -21.51
N GLN B 13 1.67 5.59 -22.72
CA GLN B 13 0.79 6.69 -23.07
C GLN B 13 -0.53 6.09 -23.53
N PRO B 14 -1.61 6.90 -23.49
CA PRO B 14 -2.92 6.40 -23.92
C PRO B 14 -2.83 6.03 -25.40
N GLY B 15 -3.40 4.88 -25.76
CA GLY B 15 -3.36 4.41 -27.13
C GLY B 15 -2.19 3.47 -27.32
N GLY B 16 -1.22 3.56 -26.41
CA GLY B 16 -0.03 2.72 -26.49
C GLY B 16 -0.20 1.26 -26.13
N SER B 17 0.92 0.56 -26.00
CA SER B 17 0.92 -0.86 -25.67
C SER B 17 1.99 -1.22 -24.66
N LEU B 18 1.79 -2.37 -24.01
CA LEU B 18 2.71 -2.87 -23.00
C LEU B 18 2.61 -4.38 -22.94
N LYS B 19 3.65 -5.02 -22.43
CA LYS B 19 3.69 -6.46 -22.28
C LYS B 19 4.35 -6.76 -20.94
N VAL B 20 3.55 -7.15 -19.96
CA VAL B 20 4.07 -7.48 -18.64
C VAL B 20 4.34 -8.98 -18.62
N SER B 21 5.11 -9.43 -17.63
CA SER B 21 5.44 -10.84 -17.54
C SER B 21 5.37 -11.34 -16.13
N CYS B 22 5.47 -12.65 -15.95
CA CYS B 22 5.39 -13.19 -14.61
C CYS B 22 6.12 -14.52 -14.48
N VAL B 23 7.38 -14.41 -14.08
CA VAL B 23 8.24 -15.55 -13.89
C VAL B 23 7.79 -16.36 -12.68
N THR B 24 7.30 -17.56 -12.94
CA THR B 24 6.83 -18.44 -11.89
C THR B 24 7.99 -19.24 -11.28
N SER B 25 7.82 -19.65 -10.02
CA SER B 25 8.81 -20.44 -9.32
C SER B 25 8.12 -21.24 -8.22
N GLY B 26 8.80 -22.28 -7.74
CA GLY B 26 8.24 -23.11 -6.70
C GLY B 26 7.37 -24.29 -7.13
N PHE B 27 6.60 -24.12 -8.22
CA PHE B 27 5.70 -25.18 -8.72
C PHE B 27 5.80 -25.42 -10.23
N THR B 28 5.19 -26.53 -10.68
CA THR B 28 5.15 -26.96 -12.09
C THR B 28 4.20 -26.12 -12.93
N PHE B 29 4.75 -25.05 -13.51
CA PHE B 29 4.02 -24.10 -14.33
C PHE B 29 3.00 -24.70 -15.30
N SER B 30 3.43 -25.68 -16.08
CA SER B 30 2.56 -26.31 -17.09
C SER B 30 1.41 -27.19 -16.57
N ASP B 31 1.11 -27.13 -15.29
CA ASP B 31 0.02 -27.97 -14.77
C ASP B 31 -1.19 -27.23 -14.23
N TYR B 32 -1.12 -25.90 -14.21
CA TYR B 32 -2.25 -25.10 -13.71
C TYR B 32 -2.65 -24.06 -14.72
N TYR B 33 -3.91 -23.64 -14.64
CA TYR B 33 -4.41 -22.55 -15.45
C TYR B 33 -3.75 -21.37 -14.75
N MET B 34 -3.38 -20.34 -15.48
CA MET B 34 -2.77 -19.18 -14.82
C MET B 34 -3.70 -18.00 -14.95
N TYR B 35 -3.48 -16.96 -14.16
CA TYR B 35 -4.36 -15.80 -14.19
C TYR B 35 -3.65 -14.46 -14.16
N TRP B 36 -4.43 -13.42 -14.38
CA TRP B 36 -4.01 -12.04 -14.34
C TRP B 36 -5.19 -11.33 -13.70
N VAL B 37 -4.91 -10.54 -12.69
CA VAL B 37 -5.94 -9.79 -11.97
C VAL B 37 -5.39 -8.39 -11.80
N ARG B 38 -6.25 -7.39 -11.89
CA ARG B 38 -5.77 -6.03 -11.71
C ARG B 38 -6.52 -5.40 -10.55
N GLN B 39 -5.85 -4.49 -9.86
CA GLN B 39 -6.46 -3.76 -8.76
C GLN B 39 -6.33 -2.30 -9.15
N THR B 40 -7.47 -1.65 -9.38
CA THR B 40 -7.50 -0.26 -9.77
C THR B 40 -7.30 0.68 -8.56
N PRO B 41 -6.83 1.92 -8.79
CA PRO B 41 -6.57 2.94 -7.78
C PRO B 41 -7.53 3.04 -6.59
N GLU B 42 -8.78 2.60 -6.78
CA GLU B 42 -9.79 2.63 -5.73
C GLU B 42 -9.76 1.29 -5.02
N LYS B 43 -8.62 0.62 -5.13
CA LYS B 43 -8.40 -0.71 -4.55
C LYS B 43 -9.44 -1.72 -5.05
N ARG B 44 -10.10 -1.36 -6.14
CA ARG B 44 -11.12 -2.18 -6.74
C ARG B 44 -10.48 -3.34 -7.49
N LEU B 45 -10.84 -4.56 -7.08
CA LEU B 45 -10.28 -5.77 -7.69
C LEU B 45 -11.04 -6.25 -8.96
N GLU B 46 -10.29 -6.63 -10.01
CA GLU B 46 -10.86 -7.10 -11.29
C GLU B 46 -10.14 -8.31 -11.89
N TRP B 47 -10.89 -9.33 -12.31
CA TRP B 47 -10.30 -10.51 -12.97
C TRP B 47 -9.97 -9.99 -14.37
N VAL B 48 -8.80 -10.34 -14.90
CA VAL B 48 -8.38 -9.88 -16.21
C VAL B 48 -8.31 -10.93 -17.33
N ALA B 49 -7.82 -12.13 -17.01
CA ALA B 49 -7.70 -13.20 -18.00
C ALA B 49 -7.41 -14.56 -17.33
N TYR B 50 -7.32 -15.61 -18.15
CA TYR B 50 -6.98 -16.94 -17.66
C TYR B 50 -6.53 -17.78 -18.85
N ILE B 51 -5.64 -18.75 -18.58
CA ILE B 51 -5.12 -19.61 -19.61
C ILE B 51 -4.92 -21.03 -19.13
N SER B 52 -5.18 -21.99 -20.02
CA SER B 52 -5.04 -23.40 -19.74
C SER B 52 -3.58 -23.84 -19.91
N GLN B 53 -3.24 -25.02 -19.40
CA GLN B 53 -1.88 -25.55 -19.48
C GLN B 53 -1.28 -25.49 -20.89
N GLY B 54 -2.11 -25.75 -21.89
CA GLY B 54 -1.68 -25.70 -23.28
C GLY B 54 -1.69 -24.29 -23.84
N GLY B 55 -2.57 -23.45 -23.32
CA GLY B 55 -2.64 -22.08 -23.79
C GLY B 55 -3.51 -21.98 -25.00
N ASP B 56 -4.45 -22.91 -25.10
CA ASP B 56 -5.37 -22.94 -26.22
C ASP B 56 -6.71 -22.38 -25.75
N ILE B 57 -7.09 -22.66 -24.51
CA ILE B 57 -8.36 -22.17 -23.98
C ILE B 57 -8.10 -20.97 -23.08
N THR B 58 -8.70 -19.83 -23.42
CA THR B 58 -8.55 -18.59 -22.64
C THR B 58 -9.84 -17.75 -22.69
N ASP B 59 -10.02 -16.86 -21.72
CA ASP B 59 -11.20 -15.99 -21.67
C ASP B 59 -10.78 -14.69 -20.99
N TYR B 60 -11.51 -13.60 -21.28
CA TYR B 60 -11.27 -12.27 -20.69
C TYR B 60 -12.65 -11.66 -20.53
N PRO B 61 -12.74 -10.56 -19.75
CA PRO B 61 -14.01 -9.84 -19.51
C PRO B 61 -14.17 -8.82 -20.63
N ASP B 62 -15.37 -8.29 -20.79
CA ASP B 62 -15.62 -7.31 -21.86
C ASP B 62 -14.79 -6.06 -21.84
N THR B 63 -14.30 -5.70 -20.67
CA THR B 63 -13.48 -4.52 -20.49
C THR B 63 -12.06 -4.74 -21.00
N VAL B 64 -11.73 -5.98 -21.35
CA VAL B 64 -10.38 -6.30 -21.78
C VAL B 64 -10.28 -7.07 -23.10
N LYS B 65 -11.29 -7.92 -23.38
CA LYS B 65 -11.33 -8.75 -24.58
C LYS B 65 -11.05 -7.94 -25.84
N GLY B 66 -10.14 -8.44 -26.66
CA GLY B 66 -9.78 -7.74 -27.88
C GLY B 66 -8.47 -6.99 -27.74
N ARG B 67 -8.33 -6.21 -26.67
CA ARG B 67 -7.13 -5.43 -26.44
C ARG B 67 -6.01 -6.16 -25.73
N PHE B 68 -6.34 -6.99 -24.75
CA PHE B 68 -5.30 -7.70 -24.02
C PHE B 68 -5.20 -9.12 -24.54
N THR B 69 -3.97 -9.65 -24.57
CA THR B 69 -3.70 -11.00 -25.04
C THR B 69 -2.76 -11.69 -24.05
N ILE B 70 -3.24 -12.73 -23.39
CA ILE B 70 -2.44 -13.47 -22.43
C ILE B 70 -1.84 -14.70 -23.11
N SER B 71 -0.52 -14.83 -23.00
CA SER B 71 0.21 -15.95 -23.59
C SER B 71 1.02 -16.58 -22.45
N ARG B 72 1.57 -17.75 -22.69
CA ARG B 72 2.32 -18.46 -21.68
C ARG B 72 3.55 -19.09 -22.31
N ASP B 73 4.57 -19.33 -21.50
CA ASP B 73 5.79 -19.99 -21.97
C ASP B 73 6.20 -21.00 -20.92
N ASN B 74 5.94 -22.27 -21.20
CA ASN B 74 6.28 -23.34 -20.26
C ASN B 74 7.76 -23.70 -20.19
N ALA B 75 8.49 -23.48 -21.27
CA ALA B 75 9.92 -23.77 -21.24
C ALA B 75 10.62 -22.77 -20.34
N LYS B 76 10.03 -21.57 -20.22
CA LYS B 76 10.59 -20.50 -19.38
C LYS B 76 9.69 -20.15 -18.20
N ASN B 77 8.87 -21.10 -17.77
CA ASN B 77 7.96 -20.93 -16.63
C ASN B 77 7.49 -19.49 -16.45
N SER B 78 7.06 -18.87 -17.55
CA SER B 78 6.63 -17.50 -17.49
C SER B 78 5.25 -17.27 -18.09
N LEU B 79 4.54 -16.28 -17.54
CA LEU B 79 3.22 -15.90 -18.01
C LEU B 79 3.36 -14.51 -18.58
N TYR B 80 2.54 -14.20 -19.59
CA TYR B 80 2.58 -12.92 -20.27
C TYR B 80 1.20 -12.31 -20.44
N LEU B 81 1.20 -11.01 -20.74
CA LEU B 81 -0.01 -10.23 -20.98
C LEU B 81 0.36 -9.04 -21.85
N GLN B 82 -0.08 -9.09 -23.11
CA GLN B 82 0.17 -8.03 -24.05
C GLN B 82 -1.04 -7.13 -23.96
N MET B 83 -0.80 -5.84 -23.86
CA MET B 83 -1.86 -4.84 -23.75
C MET B 83 -1.76 -3.92 -24.98
N SER B 84 -2.90 -3.60 -25.56
CA SER B 84 -2.92 -2.74 -26.73
C SER B 84 -4.06 -1.74 -26.56
N ARG B 85 -3.95 -0.61 -27.26
CA ARG B 85 -4.98 0.42 -27.20
C ARG B 85 -5.33 0.73 -25.76
N LEU B 86 -4.29 0.88 -24.95
CA LEU B 86 -4.49 1.16 -23.54
C LEU B 86 -5.19 2.49 -23.28
N LYS B 87 -6.17 2.45 -22.39
CA LYS B 87 -6.92 3.63 -22.00
C LYS B 87 -6.67 3.86 -20.50
N SER B 88 -6.91 5.08 -20.04
CA SER B 88 -6.68 5.45 -18.65
C SER B 88 -7.30 4.49 -17.61
N GLU B 89 -8.54 4.06 -17.84
CA GLU B 89 -9.21 3.14 -16.93
C GLU B 89 -8.32 1.93 -16.65
N ASP B 90 -7.38 1.65 -17.55
CA ASP B 90 -6.50 0.51 -17.42
C ASP B 90 -5.34 0.68 -16.47
N THR B 91 -5.29 1.82 -15.79
CA THR B 91 -4.23 2.06 -14.84
C THR B 91 -4.52 1.19 -13.62
N ALA B 92 -3.56 0.35 -13.27
CA ALA B 92 -3.71 -0.56 -12.14
C ALA B 92 -2.45 -1.32 -11.79
N MET B 93 -2.61 -2.16 -10.78
CA MET B 93 -1.55 -3.01 -10.27
C MET B 93 -1.92 -4.37 -10.88
N TYR B 94 -1.03 -4.98 -11.66
CA TYR B 94 -1.35 -6.27 -12.25
C TYR B 94 -0.70 -7.45 -11.53
N TYR B 95 -1.53 -8.37 -11.04
CA TYR B 95 -1.04 -9.55 -10.33
C TYR B 95 -1.32 -10.82 -11.11
N CYS B 96 -0.30 -11.64 -11.30
CA CYS B 96 -0.51 -12.92 -11.93
C CYS B 96 -0.78 -13.80 -10.72
N ALA B 97 -1.74 -14.69 -10.82
CA ALA B 97 -2.08 -15.56 -9.70
C ALA B 97 -2.06 -16.99 -10.12
N ARG B 98 -2.20 -17.89 -9.16
CA ARG B 98 -2.23 -19.31 -9.44
C ARG B 98 -3.42 -19.86 -8.68
N GLY B 99 -4.02 -20.91 -9.21
CA GLY B 99 -5.19 -21.47 -8.57
C GLY B 99 -4.94 -22.63 -7.66
N LEU B 100 -6.02 -23.33 -7.32
CA LEU B 100 -5.91 -24.47 -6.45
C LEU B 100 -6.53 -25.69 -7.07
N ASP B 101 -5.72 -26.74 -7.11
CA ASP B 101 -6.07 -28.05 -7.61
C ASP B 101 -7.45 -28.44 -7.12
N ASP B 102 -7.71 -28.21 -5.83
CA ASP B 102 -8.99 -28.56 -5.23
C ASP B 102 -10.19 -27.65 -5.55
N GLY B 103 -9.96 -26.49 -6.16
CA GLY B 103 -11.06 -25.61 -6.50
C GLY B 103 -11.03 -24.16 -6.03
N ALA B 104 -9.90 -23.49 -6.23
CA ALA B 104 -9.75 -22.08 -5.83
C ALA B 104 -9.07 -21.29 -6.94
N TRP B 105 -9.43 -20.02 -7.06
CA TRP B 105 -8.85 -19.15 -8.09
C TRP B 105 -7.47 -18.58 -7.80
N PHE B 106 -7.43 -17.53 -6.98
CA PHE B 106 -6.17 -16.87 -6.66
C PHE B 106 -5.67 -17.26 -5.28
N ALA B 107 -4.97 -18.38 -5.22
CA ALA B 107 -4.40 -18.93 -3.99
C ALA B 107 -2.96 -18.47 -3.78
N TYR B 108 -2.25 -18.17 -4.86
CA TYR B 108 -0.87 -17.69 -4.76
C TYR B 108 -0.71 -16.50 -5.68
N TRP B 109 -0.52 -15.32 -5.07
CA TRP B 109 -0.40 -14.07 -5.81
C TRP B 109 1.02 -13.55 -5.93
N GLY B 110 1.29 -12.85 -7.03
CA GLY B 110 2.59 -12.26 -7.24
C GLY B 110 2.74 -10.96 -6.45
N GLN B 111 3.92 -10.36 -6.56
CA GLN B 111 4.19 -9.12 -5.85
C GLN B 111 3.40 -7.93 -6.41
N GLY B 112 3.18 -7.92 -7.72
CA GLY B 112 2.43 -6.85 -8.34
C GLY B 112 3.31 -6.07 -9.30
N THR B 113 2.69 -5.29 -10.18
CA THR B 113 3.38 -4.44 -11.16
C THR B 113 2.39 -3.34 -11.61
N LEU B 114 2.80 -2.08 -11.43
CA LEU B 114 1.93 -0.97 -11.77
C LEU B 114 2.07 -0.43 -13.19
N VAL B 115 0.95 -0.35 -13.88
CA VAL B 115 0.94 0.16 -15.23
C VAL B 115 0.17 1.44 -15.13
N THR B 116 0.76 2.51 -15.64
CA THR B 116 0.14 3.82 -15.58
C THR B 116 0.04 4.38 -17.00
N VAL B 117 -1.18 4.69 -17.43
CA VAL B 117 -1.45 5.22 -18.75
C VAL B 117 -1.66 6.74 -18.74
N SER B 118 -0.66 7.52 -19.21
CA SER B 118 -0.75 9.00 -19.27
C SER B 118 0.48 9.79 -19.78
N VAL B 119 1.03 10.71 -18.97
CA VAL B 119 2.17 11.56 -19.38
C VAL B 119 3.41 11.72 -18.47
N THR B 120 4.57 11.42 -19.08
CA THR B 120 5.94 11.47 -18.49
C THR B 120 6.35 10.72 -17.21
N THR B 121 7.66 10.43 -17.10
CA THR B 121 8.20 9.73 -15.94
C THR B 121 9.48 10.38 -15.45
N THR B 122 9.62 10.43 -14.12
CA THR B 122 10.74 11.07 -13.46
C THR B 122 11.16 10.34 -12.17
N ALA B 123 12.46 10.25 -11.93
CA ALA B 123 12.98 9.62 -10.72
C ALA B 123 12.96 10.64 -9.56
N PRO B 124 12.79 10.17 -8.32
CA PRO B 124 12.77 11.12 -7.19
C PRO B 124 14.18 11.51 -6.71
N SER B 125 14.24 12.50 -5.81
CA SER B 125 15.51 12.92 -5.23
C SER B 125 15.37 12.46 -3.79
N VAL B 126 16.34 11.69 -3.30
CA VAL B 126 16.27 11.17 -1.94
C VAL B 126 17.13 11.95 -0.94
N TYR B 127 16.50 12.46 0.11
CA TYR B 127 17.22 13.24 1.11
C TYR B 127 17.12 12.62 2.49
N PRO B 128 18.04 12.98 3.40
CA PRO B 128 18.04 12.45 4.77
C PRO B 128 17.15 13.23 5.71
N LEU B 129 16.34 12.55 6.49
CA LEU B 129 15.48 13.21 7.46
C LEU B 129 16.15 12.97 8.81
N VAL B 130 16.79 14.00 9.34
CA VAL B 130 17.52 13.88 10.60
C VAL B 130 17.02 14.86 11.65
N PRO B 131 17.08 14.46 12.92
CA PRO B 131 16.63 15.29 14.05
C PRO B 131 17.39 16.61 14.15
N GLY B 132 16.71 17.62 14.69
CA GLY B 132 17.31 18.94 14.83
C GLY B 132 16.97 19.57 16.17
N CYS B 133 15.74 19.34 16.63
CA CYS B 133 15.30 19.89 17.91
C CYS B 133 15.90 19.05 19.04
N SER B 134 16.70 19.69 19.89
CA SER B 134 17.34 19.01 21.01
C SER B 134 16.35 18.87 22.18
N ASP B 135 15.21 18.27 21.90
CA ASP B 135 14.17 18.07 22.92
C ASP B 135 14.63 17.05 23.94
N THR B 136 14.10 17.14 25.15
CA THR B 136 14.46 16.22 26.22
C THR B 136 13.88 14.82 25.95
N SER B 137 14.48 14.14 24.97
CA SER B 137 14.06 12.79 24.58
C SER B 137 14.98 11.72 25.21
N GLY B 138 15.04 10.56 24.55
CA GLY B 138 15.86 9.47 25.03
C GLY B 138 15.07 8.22 24.72
N SER B 139 15.78 7.10 24.63
CA SER B 139 15.19 5.78 24.32
C SER B 139 14.91 5.62 22.83
N SER B 140 14.29 6.62 22.23
CA SER B 140 13.94 6.52 20.83
C SER B 140 14.45 7.67 19.98
N VAL B 141 15.10 7.31 18.88
CA VAL B 141 15.60 8.30 17.92
C VAL B 141 14.87 7.97 16.61
N THR B 142 14.26 8.99 16.02
CA THR B 142 13.48 8.85 14.80
C THR B 142 14.21 9.48 13.62
N LEU B 143 14.41 8.66 12.59
CA LEU B 143 15.07 9.07 11.37
C LEU B 143 14.17 8.72 10.21
N GLY B 144 14.43 9.30 9.05
CA GLY B 144 13.61 8.99 7.90
C GLY B 144 14.28 9.37 6.60
N CYS B 145 13.62 9.08 5.49
CA CYS B 145 14.15 9.43 4.18
C CYS B 145 13.00 10.09 3.45
N LEU B 146 13.31 11.18 2.76
CA LEU B 146 12.29 11.88 1.99
C LEU B 146 12.59 11.54 0.54
N VAL B 147 11.57 11.06 -0.16
CA VAL B 147 11.70 10.73 -1.58
C VAL B 147 10.81 11.73 -2.29
N LYS B 148 11.42 12.78 -2.79
CA LYS B 148 10.69 13.86 -3.44
C LYS B 148 10.70 14.00 -4.97
N GLY B 149 9.50 14.17 -5.54
CA GLY B 149 9.35 14.39 -6.96
C GLY B 149 9.57 13.28 -7.95
N TYR B 150 8.69 12.29 -7.94
CA TYR B 150 8.80 11.18 -8.86
C TYR B 150 7.45 10.91 -9.51
N PHE B 151 7.48 10.17 -10.62
CA PHE B 151 6.27 9.80 -11.34
C PHE B 151 6.63 8.72 -12.36
N PRO B 152 5.82 7.65 -12.46
CA PRO B 152 4.62 7.42 -11.66
C PRO B 152 4.90 6.61 -10.38
N GLU B 153 3.85 6.02 -9.84
CA GLU B 153 3.91 5.19 -8.66
C GLU B 153 4.52 3.87 -9.17
N PRO B 154 5.13 3.08 -8.30
CA PRO B 154 5.33 3.33 -6.87
C PRO B 154 6.81 3.46 -6.56
N VAL B 155 7.14 3.47 -5.29
CA VAL B 155 8.52 3.53 -4.79
C VAL B 155 8.48 2.53 -3.64
N THR B 156 9.59 1.84 -3.39
CA THR B 156 9.65 0.88 -2.28
C THR B 156 10.74 1.38 -1.34
N VAL B 157 10.50 1.37 -0.04
CA VAL B 157 11.51 1.82 0.91
C VAL B 157 11.82 0.70 1.89
N LYS B 158 13.08 0.26 1.90
CA LYS B 158 13.54 -0.78 2.81
C LYS B 158 14.40 -0.07 3.86
N TRP B 159 14.68 -0.72 4.98
CA TRP B 159 15.53 -0.14 6.02
C TRP B 159 16.53 -1.18 6.43
N ASN B 160 17.79 -0.89 6.18
CA ASN B 160 18.88 -1.83 6.48
C ASN B 160 18.60 -3.15 5.75
N TYR B 161 18.25 -3.01 4.47
CA TYR B 161 17.95 -4.13 3.59
C TYR B 161 16.85 -5.02 4.14
N GLY B 162 15.80 -4.40 4.68
CA GLY B 162 14.68 -5.17 5.21
C GLY B 162 14.83 -5.67 6.64
N ALA B 163 15.95 -5.34 7.28
CA ALA B 163 16.19 -5.76 8.66
C ALA B 163 15.19 -5.03 9.57
N LEU B 164 15.21 -3.71 9.53
CA LEU B 164 14.30 -2.90 10.33
C LEU B 164 12.90 -2.93 9.75
N SER B 165 11.96 -3.53 10.49
CA SER B 165 10.60 -3.62 10.02
C SER B 165 9.54 -3.13 11.02
N SER B 166 9.83 -3.30 12.31
CA SER B 166 8.88 -2.90 13.34
C SER B 166 8.61 -1.41 13.45
N GLY B 167 9.67 -0.59 13.44
CA GLY B 167 9.50 0.85 13.57
C GLY B 167 9.33 1.60 12.28
N VAL B 168 9.04 0.89 11.20
CA VAL B 168 8.90 1.53 9.91
C VAL B 168 7.52 2.13 9.69
N ARG B 169 7.50 3.45 9.58
CA ARG B 169 6.27 4.18 9.35
C ARG B 169 6.41 4.86 8.00
N THR B 170 5.60 4.43 7.05
CA THR B 170 5.65 5.03 5.72
C THR B 170 4.30 5.66 5.42
N VAL B 171 4.32 6.97 5.19
CA VAL B 171 3.12 7.72 4.89
C VAL B 171 2.73 7.61 3.40
N SER B 172 1.43 7.76 3.12
CA SER B 172 0.95 7.70 1.74
C SER B 172 1.66 8.77 0.92
N SER B 173 1.82 8.49 -0.37
CA SER B 173 2.46 9.44 -1.27
C SER B 173 1.45 10.50 -1.64
N VAL B 174 1.80 11.76 -1.37
CA VAL B 174 0.93 12.87 -1.71
C VAL B 174 1.27 13.30 -3.12
N LEU B 175 0.26 13.79 -3.84
CA LEU B 175 0.45 14.23 -5.21
C LEU B 175 0.72 15.74 -5.30
N GLN B 176 1.99 16.10 -5.41
CA GLN B 176 2.41 17.49 -5.58
C GLN B 176 1.97 17.93 -6.98
N SER B 177 2.64 18.95 -7.51
CA SER B 177 2.34 19.48 -8.85
C SER B 177 2.60 18.41 -9.87
N GLY B 178 1.65 17.50 -10.02
CA GLY B 178 1.80 16.41 -10.97
C GLY B 178 2.92 15.45 -10.59
N PHE B 179 3.28 15.41 -9.30
CA PHE B 179 4.35 14.53 -8.84
C PHE B 179 4.02 13.93 -7.49
N TYR B 180 4.71 12.85 -7.14
CA TYR B 180 4.52 12.21 -5.86
C TYR B 180 5.73 12.45 -4.97
N SER B 181 5.53 12.20 -3.69
CA SER B 181 6.57 12.35 -2.68
C SER B 181 6.02 11.66 -1.46
N LEU B 182 6.91 11.07 -0.68
CA LEU B 182 6.52 10.41 0.55
C LEU B 182 7.70 10.33 1.51
N SER B 183 7.41 9.97 2.74
CA SER B 183 8.43 9.82 3.76
C SER B 183 8.30 8.45 4.43
N SER B 184 9.45 7.85 4.72
CA SER B 184 9.49 6.59 5.43
C SER B 184 10.32 6.99 6.63
N LEU B 185 9.86 6.64 7.82
CA LEU B 185 10.58 6.99 9.05
C LEU B 185 10.73 5.78 9.95
N VAL B 186 11.95 5.53 10.42
CA VAL B 186 12.17 4.41 11.30
C VAL B 186 12.58 4.90 12.69
N THR B 187 12.03 4.30 13.73
CA THR B 187 12.38 4.69 15.07
C THR B 187 13.22 3.58 15.67
N VAL B 188 14.46 3.91 16.00
CA VAL B 188 15.39 2.95 16.59
C VAL B 188 15.87 3.46 17.93
N PRO B 189 16.26 2.54 18.84
CA PRO B 189 16.73 2.91 20.17
C PRO B 189 17.91 3.88 20.14
N SER B 190 17.92 4.80 21.10
CA SER B 190 18.98 5.80 21.24
C SER B 190 20.37 5.15 21.42
N SER B 191 20.38 3.89 21.84
CA SER B 191 21.63 3.14 22.03
C SER B 191 22.15 2.72 20.66
N THR B 192 21.22 2.45 19.75
CA THR B 192 21.53 2.02 18.39
C THR B 192 22.20 3.14 17.61
N TRP B 193 21.42 4.01 17.00
CA TRP B 193 21.99 5.12 16.22
C TRP B 193 22.42 6.19 17.22
N PRO B 194 23.54 6.90 16.96
CA PRO B 194 24.49 6.85 15.84
C PRO B 194 25.52 5.72 15.87
N SER B 195 25.43 4.84 16.86
CA SER B 195 26.36 3.72 17.00
C SER B 195 26.22 2.76 15.81
N GLN B 196 25.07 2.09 15.71
CA GLN B 196 24.82 1.18 14.61
C GLN B 196 24.42 2.10 13.47
N THR B 197 24.84 1.77 12.26
CA THR B 197 24.48 2.57 11.11
C THR B 197 23.09 2.19 10.64
N VAL B 198 22.36 3.14 10.07
CA VAL B 198 21.03 2.87 9.56
C VAL B 198 20.93 3.40 8.14
N ILE B 199 20.56 2.51 7.23
CA ILE B 199 20.45 2.83 5.81
C ILE B 199 19.05 2.65 5.28
N CYS B 200 18.68 3.50 4.33
CA CYS B 200 17.37 3.43 3.68
C CYS B 200 17.56 3.04 2.21
N ASN B 201 16.89 1.96 1.80
CA ASN B 201 16.97 1.47 0.43
C ASN B 201 15.75 1.99 -0.31
N VAL B 202 15.98 2.86 -1.28
CA VAL B 202 14.89 3.45 -2.04
C VAL B 202 14.96 2.97 -3.49
N ALA B 203 13.80 2.60 -4.03
CA ALA B 203 13.72 2.12 -5.40
C ALA B 203 12.50 2.63 -6.17
N HIS B 204 12.75 3.22 -7.33
CA HIS B 204 11.67 3.68 -8.20
C HIS B 204 11.82 2.69 -9.34
N PRO B 205 10.85 1.77 -9.49
CA PRO B 205 10.93 0.79 -10.56
C PRO B 205 10.78 1.35 -11.98
N ALA B 206 9.84 2.29 -12.18
CA ALA B 206 9.59 2.89 -13.49
C ALA B 206 10.74 3.70 -14.10
N SER B 207 11.92 3.60 -13.52
CA SER B 207 13.08 4.32 -14.03
C SER B 207 14.34 3.52 -13.72
N LYS B 208 14.13 2.35 -13.11
CA LYS B 208 15.20 1.42 -12.72
C LYS B 208 16.21 2.07 -11.78
N THR B 209 15.74 3.08 -11.06
CA THR B 209 16.58 3.80 -10.12
C THR B 209 16.45 3.15 -8.75
N GLU B 210 17.59 2.88 -8.14
CA GLU B 210 17.65 2.28 -6.81
C GLU B 210 18.88 2.88 -6.16
N LEU B 211 18.79 3.14 -4.86
CA LEU B 211 19.91 3.69 -4.12
C LEU B 211 19.77 3.34 -2.66
N ILE B 212 20.91 3.26 -1.96
CA ILE B 212 20.88 3.03 -0.53
C ILE B 212 21.46 4.31 0.03
N LYS B 213 20.77 4.88 1.01
CA LYS B 213 21.22 6.10 1.63
C LYS B 213 21.56 5.74 3.05
N ARG B 214 22.56 6.42 3.59
CA ARG B 214 23.04 6.19 4.94
C ARG B 214 22.80 7.45 5.76
N ILE B 215 21.91 7.34 6.74
CA ILE B 215 21.62 8.47 7.62
C ILE B 215 22.73 8.59 8.67
N GLU B 216 23.45 9.71 8.59
CA GLU B 216 24.56 10.06 9.48
C GLU B 216 24.21 11.43 10.07
N PRO B 217 24.75 11.76 11.26
CA PRO B 217 24.50 13.02 11.96
C PRO B 217 24.83 14.27 11.15
N ARG B 218 23.97 15.29 11.27
CA ARG B 218 24.12 16.56 10.54
C ARG B 218 25.27 17.46 10.99
#